data_2J1U
#
_entry.id   2J1U
#
_cell.length_a   43.649
_cell.length_b   60.372
_cell.length_c   99.087
_cell.angle_alpha   90.00
_cell.angle_beta   90.00
_cell.angle_gamma   90.00
#
_symmetry.space_group_name_H-M   'P 21 21 21'
#
loop_
_entity.id
_entity.type
_entity.pdbx_description
1 polymer 'FUCOLECTIN-RELATED PROTEIN'
2 branched alpha-L-fucopyranose-(1-2)-[2-acetamido-2-deoxy-alpha-D-galactopyranose-(1-3)]beta-D-galactopyranose-(1-4)-beta-D-glucopyranose
3 non-polymer 'CALCIUM ION'
4 water water
#
_entity_poly.entity_id   1
_entity_poly.type   'polypeptide(L)'
_entity_poly.pdbx_seq_one_letter_code
;GSHMASTPDKFNDGNLNIAYAKPTTQSSVDYNGDPNRAVDGNRNGNFNSGSVTHTRADNPSWWEVDLKKMDKVGLVKIYN
RTDAETQRLSNFDVILYDNNRNEVAKKHVNNLSGESVSLDFKEKGARYIKVKLLTSGVPLSLAEVEVFRES
;
_entity_poly.pdbx_strand_id   A,B
#
loop_
_chem_comp.id
_chem_comp.type
_chem_comp.name
_chem_comp.formula
A2G D-saccharide, alpha linking 2-acetamido-2-deoxy-alpha-D-galactopyranose 'C8 H15 N O6'
BGC D-saccharide, beta linking beta-D-glucopyranose 'C6 H12 O6'
CA non-polymer 'CALCIUM ION' 'Ca 2'
FUC L-saccharide, alpha linking alpha-L-fucopyranose 'C6 H12 O5'
GAL D-saccharide, beta linking beta-D-galactopyranose 'C6 H12 O6'
#
# COMPACT_ATOMS: atom_id res chain seq x y z
N LYS A 10 -0.31 -6.44 21.16
CA LYS A 10 -0.33 -5.07 20.61
C LYS A 10 0.09 -3.93 21.59
N PHE A 11 0.80 -4.25 22.69
CA PHE A 11 1.13 -3.21 23.70
C PHE A 11 2.59 -2.93 24.03
N ASN A 12 2.88 -1.65 24.29
CA ASN A 12 4.24 -1.16 24.46
C ASN A 12 4.35 0.12 25.26
N ASP A 13 4.95 0.00 26.46
CA ASP A 13 5.03 1.09 27.44
C ASP A 13 3.62 1.59 27.88
N GLY A 14 2.65 0.66 27.80
CA GLY A 14 1.28 0.90 28.18
C GLY A 14 0.40 1.51 27.09
N ASN A 15 0.99 1.73 25.92
CA ASN A 15 0.35 2.43 24.83
C ASN A 15 0.03 1.47 23.67
N LEU A 16 -1.14 1.66 23.05
CA LEU A 16 -1.58 0.80 21.95
C LEU A 16 -0.74 1.10 20.72
N ASN A 17 -0.09 0.06 20.23
CA ASN A 17 0.68 0.12 18.98
C ASN A 17 -0.30 -0.14 17.84
N ILE A 18 -0.76 0.92 17.19
CA ILE A 18 -1.72 0.79 16.07
C ILE A 18 -1.17 0.20 14.75
N ALA A 19 0.15 0.01 14.64
CA ALA A 19 0.79 -0.63 13.49
C ALA A 19 0.78 -2.14 13.60
N TYR A 20 0.58 -2.67 14.81
CA TYR A 20 0.66 -4.13 15.03
C TYR A 20 -0.36 -4.81 14.13
N ALA A 21 0.13 -5.78 13.34
CA ALA A 21 -0.68 -6.66 12.51
C ALA A 21 -1.42 -5.95 11.34
N LYS A 22 -1.07 -4.69 11.07
CA LYS A 22 -1.62 -3.99 9.90
C LYS A 22 -0.92 -4.43 8.59
N PRO A 23 -1.56 -4.23 7.44
CA PRO A 23 -0.95 -4.58 6.15
C PRO A 23 0.35 -3.84 5.97
N THR A 24 1.38 -4.51 5.52
CA THR A 24 2.63 -3.87 5.19
C THR A 24 3.07 -4.24 3.81
N THR A 25 3.93 -3.39 3.25
CA THR A 25 4.57 -3.64 1.97
C THR A 25 5.98 -3.14 2.06
N GLN A 26 6.82 -3.58 1.11
CA GLN A 26 8.16 -3.06 0.99
C GLN A 26 8.65 -3.11 -0.45
N SER A 27 9.83 -2.57 -0.70
CA SER A 27 10.33 -2.41 -2.06
C SER A 27 10.57 -3.74 -2.78
N SER A 28 10.92 -4.76 -2.02
CA SER A 28 11.19 -6.12 -2.50
C SER A 28 11.47 -6.98 -1.27
N VAL A 29 11.64 -8.29 -1.47
CA VAL A 29 11.99 -9.16 -0.35
C VAL A 29 13.23 -9.99 -0.71
N ASP A 30 14.11 -10.13 0.26
CA ASP A 30 15.23 -11.03 0.21
C ASP A 30 15.26 -11.80 1.53
N TYR A 31 15.86 -12.99 1.46
CA TYR A 31 16.03 -13.90 2.60
C TYR A 31 14.78 -14.12 3.39
N ASN A 32 13.67 -14.16 2.68
CA ASN A 32 12.35 -14.31 3.29
C ASN A 32 12.02 -13.28 4.34
N GLY A 33 12.64 -12.10 4.25
CA GLY A 33 12.44 -11.03 5.23
C GLY A 33 11.21 -10.22 4.92
N ASP A 34 10.04 -10.89 4.95
CA ASP A 34 8.77 -10.26 4.56
C ASP A 34 8.39 -9.05 5.45
N PRO A 35 7.69 -8.08 4.89
CA PRO A 35 7.43 -6.80 5.55
C PRO A 35 6.63 -6.93 6.82
N ASN A 36 5.84 -7.99 6.92
CA ASN A 36 5.03 -8.19 8.10
C ASN A 36 5.83 -8.54 9.38
N ARG A 37 7.09 -8.86 9.20
CA ARG A 37 7.96 -9.10 10.33
C ARG A 37 8.21 -7.87 11.17
N ALA A 38 8.00 -6.65 10.64
CA ALA A 38 8.14 -5.43 11.43
C ALA A 38 6.87 -5.02 12.16
N VAL A 39 5.80 -5.77 12.02
CA VAL A 39 4.58 -5.50 12.79
C VAL A 39 4.06 -6.77 13.47
N ASP A 40 4.97 -7.70 13.79
CA ASP A 40 4.52 -8.94 14.42
C ASP A 40 4.55 -8.90 15.95
N GLY A 41 4.83 -7.74 16.52
CA GLY A 41 4.84 -7.57 17.98
C GLY A 41 6.13 -8.02 18.64
N ASN A 42 7.10 -8.46 17.84
CA ASN A 42 8.38 -9.01 18.29
C ASN A 42 9.55 -8.06 17.95
N ARG A 43 10.15 -7.51 18.99
CA ARG A 43 11.26 -6.54 18.76
C ARG A 43 12.68 -7.13 18.57
N ASN A 44 12.76 -8.47 18.62
CA ASN A 44 14.03 -9.21 18.54
C ASN A 44 14.66 -8.80 17.21
N GLY A 45 15.83 -8.19 17.29
CA GLY A 45 16.53 -7.71 16.09
C GLY A 45 17.50 -8.67 15.46
N ASN A 46 17.58 -9.91 15.96
CA ASN A 46 18.39 -10.90 15.31
C ASN A 46 17.72 -11.43 14.08
N PHE A 47 18.28 -11.12 12.93
CA PHE A 47 17.63 -11.50 11.69
C PHE A 47 17.35 -13.00 11.60
N ASN A 48 18.27 -13.81 12.11
CA ASN A 48 18.21 -15.24 11.97
C ASN A 48 17.10 -15.89 12.80
N SER A 49 16.55 -15.13 13.73
CA SER A 49 15.45 -15.59 14.57
C SER A 49 14.08 -15.29 13.99
N GLY A 50 14.02 -14.53 12.88
CA GLY A 50 12.81 -14.51 12.08
C GLY A 50 11.87 -13.33 12.18
N SER A 51 12.22 -12.32 12.99
CA SER A 51 11.35 -11.19 13.31
CA SER A 51 11.30 -11.20 13.22
C SER A 51 11.84 -9.89 12.65
N VAL A 52 12.73 -9.99 11.67
CA VAL A 52 13.33 -8.80 11.03
C VAL A 52 13.07 -8.85 9.50
N THR A 53 12.67 -7.72 8.92
CA THR A 53 12.45 -7.64 7.50
C THR A 53 13.79 -7.56 6.76
N HIS A 54 13.72 -7.70 5.43
CA HIS A 54 14.88 -7.57 4.57
C HIS A 54 14.42 -7.36 3.15
N THR A 55 14.82 -6.23 2.56
CA THR A 55 14.58 -6.02 1.10
C THR A 55 15.86 -6.46 0.34
N ARG A 56 15.77 -6.50 -1.00
CA ARG A 56 16.93 -6.50 -1.89
C ARG A 56 17.54 -5.09 -1.91
N ALA A 57 18.62 -4.91 -2.66
CA ALA A 57 19.38 -3.66 -2.69
C ALA A 57 18.74 -2.77 -3.76
N ASP A 58 17.67 -2.08 -3.36
CA ASP A 58 16.78 -1.33 -4.29
C ASP A 58 17.20 0.10 -4.49
N ASN A 59 16.46 0.79 -5.35
CA ASN A 59 16.79 2.15 -5.76
C ASN A 59 15.64 3.15 -5.45
N PRO A 60 15.41 3.51 -4.17
CA PRO A 60 16.03 2.93 -2.97
C PRO A 60 15.11 1.93 -2.29
N SER A 61 15.66 1.25 -1.30
CA SER A 61 14.87 0.38 -0.42
C SER A 61 13.90 1.16 0.46
N TRP A 62 12.70 0.59 0.68
CA TRP A 62 11.69 1.23 1.56
C TRP A 62 10.74 0.16 2.07
N TRP A 63 9.99 0.55 3.12
CA TRP A 63 9.06 -0.31 3.83
C TRP A 63 7.92 0.63 4.26
N GLU A 64 6.71 0.11 4.32
CA GLU A 64 5.55 0.90 4.65
C GLU A 64 4.50 0.09 5.39
N VAL A 65 3.88 0.75 6.34
CA VAL A 65 2.67 0.20 6.99
C VAL A 65 1.46 1.06 6.62
N ASP A 66 0.34 0.39 6.47
CA ASP A 66 -0.92 0.97 6.08
C ASP A 66 -1.87 0.71 7.26
N LEU A 67 -2.28 1.78 7.94
CA LEU A 67 -3.19 1.65 9.05
C LEU A 67 -4.64 1.36 8.67
N LYS A 68 -4.94 1.43 7.35
CA LYS A 68 -6.21 1.11 6.73
C LYS A 68 -7.19 2.29 6.74
N LYS A 69 -7.08 3.12 7.78
CA LYS A 69 -7.82 4.37 7.92
C LYS A 69 -6.89 5.44 8.48
N MET A 70 -7.22 6.70 8.29
CA MET A 70 -6.46 7.76 8.94
C MET A 70 -6.52 7.58 10.46
N ASP A 71 -5.43 7.92 11.16
CA ASP A 71 -5.41 7.90 12.60
C ASP A 71 -4.41 8.97 13.03
N LYS A 72 -4.39 9.31 14.31
CA LYS A 72 -3.45 10.30 14.78
C LYS A 72 -2.13 9.60 15.11
N VAL A 73 -1.02 10.18 14.68
CA VAL A 73 0.28 9.61 14.93
C VAL A 73 1.07 10.55 15.83
N GLY A 74 1.42 10.04 17.00
CA GLY A 74 2.36 10.69 17.91
C GLY A 74 3.73 10.03 17.78
N LEU A 75 4.10 9.18 18.74
CA LEU A 75 5.41 8.50 18.68
C LEU A 75 5.43 7.38 17.62
N VAL A 76 6.51 7.39 16.86
CA VAL A 76 6.93 6.26 16.04
C VAL A 76 8.26 5.76 16.56
N LYS A 77 8.33 4.46 16.85
CA LYS A 77 9.51 3.81 17.42
C LYS A 77 9.98 2.73 16.48
N ILE A 78 11.25 2.84 16.01
CA ILE A 78 11.78 1.99 14.98
C ILE A 78 12.93 1.22 15.59
N TYR A 79 12.75 -0.08 15.61
CA TYR A 79 13.74 -1.00 16.14
C TYR A 79 14.56 -1.56 15.00
N ASN A 80 15.88 -1.37 15.09
CA ASN A 80 16.85 -1.84 14.08
C ASN A 80 17.15 -3.35 14.18
N ARG A 81 17.70 -3.89 13.10
CA ARG A 81 18.40 -5.15 13.12
C ARG A 81 19.56 -4.94 14.11
N THR A 82 19.88 -6.01 14.82
CA THR A 82 20.91 -5.92 15.87
C THR A 82 22.04 -6.96 15.70
N ASP A 83 21.81 -8.06 14.96
CA ASP A 83 22.84 -9.07 14.90
C ASP A 83 24.01 -8.68 13.97
N ALA A 84 23.71 -7.85 12.99
CA ALA A 84 24.68 -7.50 11.95
C ALA A 84 24.19 -6.30 11.14
N GLU A 85 25.13 -5.62 10.46
CA GLU A 85 24.81 -4.62 9.44
C GLU A 85 23.89 -3.50 9.96
N THR A 86 24.11 -3.11 11.22
CA THR A 86 23.28 -2.13 11.88
C THR A 86 23.34 -0.76 11.22
N GLN A 87 24.49 -0.45 10.60
CA GLN A 87 24.67 0.81 9.96
C GLN A 87 23.83 0.97 8.70
N ARG A 88 23.19 -0.11 8.23
CA ARG A 88 22.32 0.01 7.08
C ARG A 88 21.16 0.96 7.37
N LEU A 89 20.68 0.99 8.62
CA LEU A 89 19.59 1.91 8.98
C LEU A 89 20.22 3.27 9.33
N SER A 90 20.45 4.03 8.27
CA SER A 90 21.06 5.36 8.34
C SER A 90 20.67 6.15 7.10
N ASN A 91 20.81 7.49 7.13
CA ASN A 91 20.41 8.40 6.05
C ASN A 91 19.05 8.00 5.50
N PHE A 92 18.03 7.98 6.38
CA PHE A 92 16.69 7.61 6.00
C PHE A 92 15.61 8.60 6.41
N ASP A 93 14.53 8.61 5.62
CA ASP A 93 13.32 9.38 5.92
C ASP A 93 12.25 8.48 6.51
N VAL A 94 11.54 9.03 7.47
CA VAL A 94 10.31 8.45 7.97
C VAL A 94 9.17 9.40 7.58
N ILE A 95 8.22 8.89 6.82
CA ILE A 95 7.30 9.75 6.14
C ILE A 95 5.87 9.35 6.38
N LEU A 96 5.02 10.35 6.71
CA LEU A 96 3.61 10.12 6.92
C LEU A 96 2.82 10.59 5.67
N TYR A 97 1.82 9.80 5.28
CA TYR A 97 0.96 10.09 4.15
C TYR A 97 -0.49 9.92 4.54
N ASP A 98 -1.34 10.71 3.90
CA ASP A 98 -2.75 10.69 4.21
C ASP A 98 -3.48 9.64 3.34
N ASN A 99 -4.82 9.69 3.30
CA ASN A 99 -5.63 8.66 2.62
C ASN A 99 -5.47 8.63 1.11
N ASN A 100 -4.90 9.72 0.58
CA ASN A 100 -4.62 9.90 -0.85
C ASN A 100 -3.15 9.90 -1.17
N ARG A 101 -2.35 9.43 -0.22
CA ARG A 101 -0.91 9.39 -0.40
C ARG A 101 -0.24 10.74 -0.63
N ASN A 102 -0.81 11.81 -0.06
CA ASN A 102 -0.10 13.07 0.03
C ASN A 102 0.75 13.05 1.26
N GLU A 103 1.97 13.54 1.12
CA GLU A 103 2.87 13.63 2.26
C GLU A 103 2.39 14.64 3.29
N VAL A 104 2.30 14.22 4.55
CA VAL A 104 1.79 15.11 5.59
C VAL A 104 2.91 15.50 6.58
N ALA A 105 3.97 14.69 6.68
CA ALA A 105 5.09 15.00 7.58
C ALA A 105 6.25 14.07 7.23
N LYS A 106 7.46 14.51 7.56
CA LYS A 106 8.64 13.74 7.24
C LYS A 106 9.65 14.11 8.26
N LYS A 107 10.32 13.13 8.80
CA LYS A 107 11.54 13.37 9.56
C LYS A 107 12.71 12.62 8.98
N HIS A 108 13.88 13.25 8.98
CA HIS A 108 15.09 12.56 8.53
C HIS A 108 15.94 12.08 9.70
N VAL A 109 16.42 10.85 9.60
CA VAL A 109 17.28 10.26 10.64
C VAL A 109 18.60 9.96 10.05
N ASN A 110 19.67 10.50 10.63
CA ASN A 110 21.01 10.26 10.07
C ASN A 110 21.54 8.84 10.41
N ASN A 111 21.35 8.45 11.65
CA ASN A 111 21.84 7.16 12.15
C ASN A 111 21.25 6.98 13.53
N LEU A 112 21.45 5.79 14.10
CA LEU A 112 20.98 5.45 15.43
C LEU A 112 22.18 5.32 16.37
N SER A 113 22.05 5.78 17.61
CA SER A 113 23.11 5.54 18.59
C SER A 113 22.92 4.24 19.40
N GLY A 114 21.67 3.80 19.63
CA GLY A 114 21.41 2.47 20.15
C GLY A 114 20.55 1.59 19.22
N GLU A 115 19.72 0.73 19.81
CA GLU A 115 19.03 -0.30 19.03
C GLU A 115 17.74 0.24 18.39
N SER A 116 17.32 1.45 18.79
CA SER A 116 16.13 2.07 18.23
C SER A 116 16.23 3.56 18.08
N VAL A 117 15.30 4.13 17.33
CA VAL A 117 15.07 5.56 17.33
C VAL A 117 13.60 5.83 17.56
N SER A 118 13.34 6.88 18.31
CA SER A 118 12.00 7.29 18.66
CA SER A 118 12.00 7.30 18.66
C SER A 118 11.76 8.65 18.04
N LEU A 119 10.72 8.76 17.20
CA LEU A 119 10.32 10.05 16.67
C LEU A 119 8.90 10.45 17.11
N ASP A 120 8.70 11.74 17.34
CA ASP A 120 7.41 12.30 17.79
C ASP A 120 6.77 13.22 16.70
N PHE A 121 5.73 12.69 16.05
CA PHE A 121 5.08 13.40 14.95
C PHE A 121 3.95 14.35 15.44
N LYS A 122 3.77 14.38 16.76
CA LYS A 122 2.97 15.38 17.44
C LYS A 122 1.51 15.38 16.96
N GLU A 123 0.89 14.20 16.97
CA GLU A 123 -0.54 14.06 16.69
C GLU A 123 -0.96 14.45 15.23
N LYS A 124 -0.20 14.06 14.23
CA LYS A 124 -0.54 14.34 12.83
C LYS A 124 -1.41 13.21 12.28
N GLY A 125 -2.39 13.56 11.47
CA GLY A 125 -3.34 12.61 10.90
C GLY A 125 -2.71 11.92 9.70
N ALA A 126 -2.64 10.58 9.76
CA ALA A 126 -2.05 9.81 8.67
C ALA A 126 -2.63 8.41 8.58
N ARG A 127 -2.57 7.85 7.37
CA ARG A 127 -2.91 6.43 7.11
C ARG A 127 -1.65 5.56 6.91
N TYR A 128 -0.56 6.11 6.32
CA TYR A 128 0.62 5.33 5.96
C TYR A 128 1.86 5.88 6.64
N ILE A 129 2.70 5.00 7.17
CA ILE A 129 4.04 5.36 7.63
C ILE A 129 5.07 4.60 6.85
N LYS A 130 5.94 5.35 6.18
CA LYS A 130 6.93 4.78 5.29
C LYS A 130 8.32 5.08 5.84
N VAL A 131 9.20 4.09 5.73
CA VAL A 131 10.58 4.23 6.14
C VAL A 131 11.35 4.00 4.83
N LYS A 132 12.11 5.02 4.42
CA LYS A 132 12.81 5.02 3.13
C LYS A 132 14.31 5.35 3.29
N LEU A 133 15.15 4.41 2.92
CA LEU A 133 16.61 4.65 2.82
C LEU A 133 16.84 5.65 1.67
N LEU A 134 17.74 6.58 1.86
CA LEU A 134 18.07 7.55 0.82
C LEU A 134 19.29 7.12 0.05
N THR A 135 20.06 6.19 0.61
CA THR A 135 21.17 5.58 -0.09
C THR A 135 20.66 4.36 -0.82
N SER A 136 20.67 4.43 -2.15
CA SER A 136 20.30 3.27 -2.96
C SER A 136 21.34 2.13 -2.89
N GLY A 137 20.88 0.91 -3.19
CA GLY A 137 21.75 -0.25 -3.24
C GLY A 137 22.08 -0.79 -1.87
N VAL A 138 21.27 -0.43 -0.87
CA VAL A 138 21.41 -0.89 0.52
C VAL A 138 20.11 -1.57 0.94
N PRO A 139 20.17 -2.80 1.42
CA PRO A 139 18.96 -3.43 1.93
C PRO A 139 18.43 -2.75 3.18
N LEU A 140 17.10 -2.66 3.28
CA LEU A 140 16.42 -2.20 4.46
C LEU A 140 15.90 -3.37 5.31
N SER A 141 16.39 -3.41 6.55
CA SER A 141 15.91 -4.36 7.55
C SER A 141 15.44 -3.65 8.82
N LEU A 142 14.26 -4.03 9.26
CA LEU A 142 13.66 -3.41 10.40
C LEU A 142 13.18 -4.56 11.30
N ALA A 143 13.58 -4.51 12.55
CA ALA A 143 13.08 -5.49 13.52
C ALA A 143 11.61 -5.30 13.90
N GLU A 144 11.24 -4.03 14.03
CA GLU A 144 9.88 -3.67 14.39
C GLU A 144 9.64 -2.19 14.21
N VAL A 145 8.43 -1.87 13.75
CA VAL A 145 8.03 -0.46 13.67
C VAL A 145 6.74 -0.32 14.45
N GLU A 146 6.82 0.44 15.52
CA GLU A 146 5.68 0.66 16.41
C GLU A 146 5.15 2.08 16.28
N VAL A 147 3.84 2.21 16.22
CA VAL A 147 3.21 3.50 15.96
C VAL A 147 2.12 3.70 17.02
N PHE A 148 2.16 4.86 17.66
CA PHE A 148 1.24 5.23 18.72
C PHE A 148 0.47 6.52 18.43
N ARG A 149 -0.69 6.64 19.07
CA ARG A 149 -1.55 7.80 18.87
C ARG A 149 -1.11 8.98 19.75
N GLU A 150 -0.28 8.67 20.76
CA GLU A 150 0.26 9.66 21.70
C GLU A 150 1.78 9.76 21.58
N ASN B 15 -5.26 -14.01 -21.92
CA ASN B 15 -4.08 -14.79 -21.44
C ASN B 15 -3.96 -14.62 -19.92
N LEU B 16 -2.74 -14.53 -19.38
CA LEU B 16 -2.61 -14.61 -17.94
C LEU B 16 -3.02 -13.30 -17.28
N ASN B 17 -4.05 -13.34 -16.44
CA ASN B 17 -4.44 -12.19 -15.60
C ASN B 17 -3.52 -12.10 -14.39
N ILE B 18 -2.54 -11.19 -14.48
CA ILE B 18 -1.57 -11.00 -13.38
C ILE B 18 -2.07 -10.23 -12.15
N ALA B 19 -3.27 -9.69 -12.22
CA ALA B 19 -3.85 -9.01 -11.08
C ALA B 19 -4.61 -10.01 -10.18
N TYR B 20 -5.05 -11.14 -10.73
CA TYR B 20 -5.81 -12.11 -9.95
C TYR B 20 -5.08 -12.49 -8.65
N ALA B 21 -5.79 -12.43 -7.51
CA ALA B 21 -5.27 -12.82 -6.18
C ALA B 21 -4.07 -11.99 -5.64
N LYS B 22 -3.79 -10.86 -6.30
CA LYS B 22 -2.75 -9.94 -5.84
C LYS B 22 -3.27 -9.06 -4.69
N PRO B 23 -2.37 -8.53 -3.86
CA PRO B 23 -2.77 -7.61 -2.78
C PRO B 23 -3.48 -6.37 -3.32
N THR B 24 -4.60 -6.03 -2.69
CA THR B 24 -5.32 -4.81 -2.98
C THR B 24 -5.58 -3.96 -1.77
N THR B 25 -5.82 -2.68 -2.05
CA THR B 25 -6.29 -1.75 -1.03
C THR B 25 -7.31 -0.79 -1.65
N GLN B 26 -8.04 -0.06 -0.84
CA GLN B 26 -8.90 0.95 -1.38
C GLN B 26 -9.10 2.04 -0.35
N SER B 27 -9.82 3.08 -0.71
CA SER B 27 -9.86 4.28 0.10
C SER B 27 -10.55 4.05 1.43
N SER B 28 -11.52 3.16 1.42
CA SER B 28 -12.23 2.71 2.63
C SER B 28 -13.09 1.53 2.25
N VAL B 29 -13.80 0.95 3.21
CA VAL B 29 -14.70 -0.14 2.88
CA VAL B 29 -14.69 -0.18 2.91
C VAL B 29 -16.07 0.14 3.48
N ASP B 30 -17.11 -0.22 2.72
CA ASP B 30 -18.51 -0.13 3.11
C ASP B 30 -19.23 -1.35 2.57
N TYR B 31 -20.32 -1.73 3.24
CA TYR B 31 -21.11 -2.93 2.87
C TYR B 31 -20.31 -4.24 2.73
N ASN B 32 -19.24 -4.35 3.50
CA ASN B 32 -18.28 -5.43 3.44
C ASN B 32 -17.61 -5.60 2.06
N GLY B 33 -17.62 -4.57 1.22
CA GLY B 33 -17.09 -4.66 -0.14
C GLY B 33 -15.57 -4.51 -0.23
N ASP B 34 -14.86 -5.49 0.31
CA ASP B 34 -13.42 -5.46 0.51
C ASP B 34 -12.75 -5.41 -0.85
N PRO B 35 -11.60 -4.73 -0.95
CA PRO B 35 -10.96 -4.53 -2.26
C PRO B 35 -10.53 -5.85 -2.95
N ASN B 36 -10.32 -6.92 -2.19
CA ASN B 36 -9.97 -8.20 -2.86
C ASN B 36 -11.07 -8.77 -3.77
N ARG B 37 -12.29 -8.27 -3.63
CA ARG B 37 -13.35 -8.69 -4.53
C ARG B 37 -13.12 -8.35 -6.02
N ALA B 38 -12.35 -7.29 -6.32
CA ALA B 38 -12.01 -6.98 -7.70
C ALA B 38 -10.88 -7.81 -8.34
N VAL B 39 -10.28 -8.72 -7.57
CA VAL B 39 -9.26 -9.62 -8.07
C VAL B 39 -9.60 -11.06 -7.66
N ASP B 40 -10.88 -11.34 -7.50
CA ASP B 40 -11.31 -12.69 -7.08
C ASP B 40 -11.56 -13.68 -8.21
N GLY B 41 -11.35 -13.27 -9.44
CA GLY B 41 -11.61 -14.12 -10.58
C GLY B 41 -13.05 -14.15 -11.11
N ASN B 42 -13.93 -13.43 -10.44
CA ASN B 42 -15.34 -13.43 -10.74
C ASN B 42 -15.74 -12.05 -11.25
N ARG B 43 -16.17 -11.98 -12.50
CA ARG B 43 -16.59 -10.73 -13.13
C ARG B 43 -18.04 -10.40 -12.80
N ASN B 44 -18.74 -11.21 -12.01
CA ASN B 44 -20.13 -10.88 -11.64
C ASN B 44 -20.20 -9.49 -11.08
N GLY B 45 -21.07 -8.67 -11.67
CA GLY B 45 -21.31 -7.31 -11.18
C GLY B 45 -22.46 -7.09 -10.22
N ASN B 46 -23.19 -8.15 -9.92
CA ASN B 46 -24.23 -8.11 -8.90
C ASN B 46 -23.68 -8.07 -7.48
N PHE B 47 -23.98 -7.04 -6.73
CA PHE B 47 -23.33 -6.84 -5.41
C PHE B 47 -23.58 -7.98 -4.44
N ASN B 48 -24.81 -8.52 -4.47
CA ASN B 48 -25.24 -9.63 -3.59
C ASN B 48 -24.40 -10.94 -3.74
N SER B 49 -23.78 -11.10 -4.92
CA SER B 49 -22.84 -12.19 -5.17
C SER B 49 -21.58 -12.15 -4.32
N GLY B 50 -21.22 -10.97 -3.83
CA GLY B 50 -20.01 -10.84 -3.07
C GLY B 50 -18.77 -10.62 -3.93
N SER B 51 -18.95 -10.44 -5.24
CA SER B 51 -17.84 -10.27 -6.18
C SER B 51 -17.43 -8.84 -6.44
N VAL B 52 -18.12 -7.89 -5.84
CA VAL B 52 -17.98 -6.44 -6.09
C VAL B 52 -17.50 -5.67 -4.86
N THR B 53 -16.52 -4.80 -5.08
CA THR B 53 -16.05 -3.93 -4.01
C THR B 53 -16.99 -2.75 -3.74
N HIS B 54 -16.76 -2.09 -2.63
CA HIS B 54 -17.56 -0.90 -2.22
C HIS B 54 -16.76 -0.09 -1.19
N THR B 55 -16.46 1.17 -1.53
CA THR B 55 -15.89 2.12 -0.58
C THR B 55 -17.01 2.94 0.04
N ARG B 56 -16.65 3.74 1.02
CA ARG B 56 -17.54 4.80 1.46
C ARG B 56 -17.49 5.95 0.44
N ALA B 57 -18.22 7.02 0.72
CA ALA B 57 -18.21 8.21 -0.16
C ALA B 57 -17.01 9.11 0.19
N ASP B 58 -15.85 8.79 -0.41
CA ASP B 58 -14.54 9.35 -0.01
C ASP B 58 -14.17 10.58 -0.82
N ASN B 59 -13.00 11.17 -0.53
CA ASN B 59 -12.62 12.45 -1.08
C ASN B 59 -11.23 12.35 -1.73
N PRO B 60 -11.09 11.64 -2.88
CA PRO B 60 -12.12 10.86 -3.56
C PRO B 60 -11.97 9.37 -3.24
N SER B 61 -12.90 8.57 -3.77
CA SER B 61 -12.78 7.12 -3.68
C SER B 61 -11.74 6.57 -4.69
N TRP B 62 -11.03 5.53 -4.31
CA TRP B 62 -10.03 4.92 -5.16
C TRP B 62 -9.80 3.46 -4.73
N TRP B 63 -9.27 2.69 -5.66
CA TRP B 63 -8.90 1.28 -5.48
C TRP B 63 -7.58 1.05 -6.14
N GLU B 64 -6.80 0.09 -5.64
CA GLU B 64 -5.48 -0.16 -6.23
C GLU B 64 -5.07 -1.59 -6.02
N VAL B 65 -4.43 -2.16 -7.03
CA VAL B 65 -3.80 -3.46 -6.93
C VAL B 65 -2.24 -3.32 -7.00
N ASP B 66 -1.57 -4.18 -6.26
CA ASP B 66 -0.15 -4.22 -6.08
C ASP B 66 0.37 -5.50 -6.74
N LEU B 67 1.05 -5.35 -7.86
CA LEU B 67 1.56 -6.51 -8.58
C LEU B 67 2.77 -7.18 -7.88
N LYS B 68 3.30 -6.48 -6.88
CA LYS B 68 4.38 -6.86 -5.95
C LYS B 68 5.79 -6.58 -6.50
N LYS B 69 5.91 -6.49 -7.80
CA LYS B 69 7.15 -6.05 -8.46
C LYS B 69 6.80 -5.33 -9.78
N MET B 70 7.78 -4.72 -10.41
CA MET B 70 7.59 -4.11 -11.74
C MET B 70 7.26 -5.17 -12.82
N ASP B 71 6.15 -4.92 -13.50
CA ASP B 71 5.70 -5.74 -14.59
C ASP B 71 5.37 -4.90 -15.79
N LYS B 72 5.16 -5.54 -16.93
CA LYS B 72 4.79 -4.83 -18.15
C LYS B 72 3.30 -4.87 -18.25
N VAL B 73 2.62 -3.72 -18.35
CA VAL B 73 1.17 -3.77 -18.38
C VAL B 73 0.66 -3.49 -19.80
N GLY B 74 -0.07 -4.45 -20.35
CA GLY B 74 -0.72 -4.30 -21.64
C GLY B 74 -2.17 -3.95 -21.44
N LEU B 75 -3.08 -4.88 -21.73
CA LEU B 75 -4.50 -4.62 -21.48
C LEU B 75 -4.90 -4.63 -19.99
N VAL B 76 -5.73 -3.66 -19.61
CA VAL B 76 -6.35 -3.60 -18.31
C VAL B 76 -7.84 -3.51 -18.56
N LYS B 77 -8.60 -4.43 -18.01
CA LYS B 77 -10.04 -4.44 -18.14
C LYS B 77 -10.73 -4.15 -16.83
N ILE B 78 -11.61 -3.16 -16.85
CA ILE B 78 -12.28 -2.69 -15.67
C ILE B 78 -13.75 -3.00 -15.79
N TYR B 79 -14.23 -3.80 -14.86
CA TYR B 79 -15.62 -4.30 -14.83
C TYR B 79 -16.45 -3.57 -13.81
N ASN B 80 -17.60 -3.06 -14.24
CA ASN B 80 -18.48 -2.31 -13.36
C ASN B 80 -19.44 -3.17 -12.54
N ARG B 81 -19.92 -2.60 -11.45
CA ARG B 81 -21.09 -3.15 -10.77
C ARG B 81 -22.26 -3.12 -11.75
N THR B 82 -23.22 -4.03 -11.61
CA THR B 82 -24.33 -4.12 -12.61
C THR B 82 -25.78 -4.04 -12.10
N ASP B 83 -26.00 -4.35 -10.81
CA ASP B 83 -27.34 -4.39 -10.22
C ASP B 83 -27.88 -3.02 -9.87
N ALA B 84 -27.01 -2.07 -9.50
CA ALA B 84 -27.47 -0.73 -9.12
C ALA B 84 -26.33 0.28 -9.15
N GLU B 85 -26.72 1.54 -9.13
CA GLU B 85 -25.76 2.65 -9.08
C GLU B 85 -24.63 2.55 -10.10
N THR B 86 -24.94 2.13 -11.32
CA THR B 86 -23.87 1.86 -12.29
C THR B 86 -23.17 3.11 -12.81
N GLN B 87 -23.84 4.26 -12.69
CA GLN B 87 -23.30 5.55 -13.13
C GLN B 87 -22.10 6.07 -12.31
N ARG B 88 -21.85 5.48 -11.15
CA ARG B 88 -20.77 5.86 -10.19
C ARG B 88 -19.40 5.68 -10.80
N LEU B 89 -19.23 4.63 -11.62
CA LEU B 89 -17.98 4.34 -12.29
C LEU B 89 -17.93 5.16 -13.56
N SER B 90 -17.44 6.38 -13.40
CA SER B 90 -17.46 7.38 -14.47
C SER B 90 -16.56 8.48 -14.00
N ASN B 91 -16.00 9.21 -14.96
CA ASN B 91 -15.09 10.34 -14.75
C ASN B 91 -13.98 9.89 -13.84
N PHE B 92 -13.21 8.92 -14.29
CA PHE B 92 -12.17 8.37 -13.46
C PHE B 92 -10.86 8.24 -14.25
N ASP B 93 -9.79 8.15 -13.50
CA ASP B 93 -8.47 7.88 -14.03
C ASP B 93 -8.02 6.47 -13.66
N VAL B 94 -7.24 5.88 -14.56
CA VAL B 94 -6.56 4.62 -14.33
C VAL B 94 -5.11 4.99 -14.42
N ILE B 95 -4.38 4.77 -13.32
CA ILE B 95 -3.04 5.27 -13.16
C ILE B 95 -2.08 4.14 -12.82
N LEU B 96 -0.93 4.07 -13.48
CA LEU B 96 0.13 3.08 -13.28
C LEU B 96 1.24 3.78 -12.49
N TYR B 97 1.78 3.14 -11.46
CA TYR B 97 2.89 3.64 -10.65
C TYR B 97 4.03 2.62 -10.64
N ASP B 98 5.23 3.17 -10.57
CA ASP B 98 6.42 2.32 -10.46
C ASP B 98 6.69 1.92 -9.00
N ASN B 99 7.83 1.32 -8.76
CA ASN B 99 8.19 0.83 -7.43
C ASN B 99 8.38 1.92 -6.35
N ASN B 100 8.55 3.18 -6.77
CA ASN B 100 8.67 4.33 -5.86
C ASN B 100 7.43 5.23 -5.89
N ARG B 101 6.37 4.75 -6.50
CA ARG B 101 5.14 5.51 -6.72
C ARG B 101 5.27 6.78 -7.62
N ASN B 102 6.25 6.80 -8.50
CA ASN B 102 6.29 7.79 -9.56
C ASN B 102 5.19 7.35 -10.55
N GLU B 103 4.39 8.30 -11.00
CA GLU B 103 3.37 8.02 -12.03
C GLU B 103 4.06 7.73 -13.33
N VAL B 104 3.76 6.60 -13.93
CA VAL B 104 4.38 6.25 -15.20
C VAL B 104 3.41 6.31 -16.39
N ALA B 105 2.12 6.24 -16.10
CA ALA B 105 1.05 6.36 -17.12
C ALA B 105 -0.31 6.58 -16.50
N LYS B 106 -1.18 7.22 -17.26
CA LYS B 106 -2.50 7.60 -16.83
C LYS B 106 -3.39 7.68 -18.07
N LYS B 107 -4.59 7.14 -17.92
CA LYS B 107 -5.65 7.30 -18.90
C LYS B 107 -6.92 7.70 -18.18
N HIS B 108 -7.77 8.45 -18.87
CA HIS B 108 -9.00 8.89 -18.29
C HIS B 108 -10.18 8.31 -19.02
N VAL B 109 -11.20 7.89 -18.28
CA VAL B 109 -12.42 7.38 -18.84
C VAL B 109 -13.57 8.32 -18.43
N ASN B 110 -14.31 8.82 -19.41
CA ASN B 110 -15.54 9.54 -19.06
C ASN B 110 -16.70 8.61 -18.63
N ASN B 111 -17.21 7.82 -19.56
CA ASN B 111 -18.39 7.01 -19.31
C ASN B 111 -18.11 5.60 -19.85
N LEU B 112 -18.58 4.57 -19.18
CA LEU B 112 -18.48 3.22 -19.75
C LEU B 112 -19.54 3.10 -20.83
N SER B 113 -19.32 2.27 -21.83
CA SER B 113 -20.39 2.04 -22.78
C SER B 113 -21.20 0.83 -22.39
N GLY B 114 -20.57 -0.32 -22.24
CA GLY B 114 -21.25 -1.44 -21.61
C GLY B 114 -20.93 -1.68 -20.13
N GLU B 115 -20.68 -2.94 -19.82
CA GLU B 115 -20.40 -3.35 -18.46
C GLU B 115 -18.93 -3.30 -18.07
N SER B 116 -18.06 -3.03 -19.02
CA SER B 116 -16.62 -2.94 -18.79
C SER B 116 -15.96 -1.96 -19.77
N VAL B 117 -14.74 -1.52 -19.44
CA VAL B 117 -13.85 -0.78 -20.34
C VAL B 117 -12.46 -1.45 -20.37
N SER B 118 -11.83 -1.45 -21.53
CA SER B 118 -10.52 -2.07 -21.70
C SER B 118 -9.59 -0.97 -22.17
N LEU B 119 -8.48 -0.83 -21.48
CA LEU B 119 -7.42 0.11 -21.81
C LEU B 119 -6.12 -0.63 -22.06
N ASP B 120 -5.32 -0.11 -22.98
CA ASP B 120 -4.06 -0.70 -23.39
C ASP B 120 -2.88 0.21 -23.07
N PHE B 121 -2.09 -0.16 -22.06
CA PHE B 121 -0.92 0.62 -21.64
C PHE B 121 0.37 0.27 -22.36
N LYS B 122 0.29 -0.57 -23.38
CA LYS B 122 1.41 -0.85 -24.32
C LYS B 122 2.71 -1.28 -23.67
N GLU B 123 2.55 -2.18 -22.69
CA GLU B 123 3.63 -2.85 -21.98
C GLU B 123 4.49 -1.86 -21.18
N LYS B 124 3.89 -0.80 -20.67
CA LYS B 124 4.56 0.12 -19.76
C LYS B 124 4.85 -0.58 -18.42
N GLY B 125 6.07 -0.46 -17.90
CA GLY B 125 6.45 -1.16 -16.66
C GLY B 125 5.90 -0.43 -15.44
N ALA B 126 5.20 -1.15 -14.59
CA ALA B 126 4.62 -0.62 -13.35
C ALA B 126 4.45 -1.76 -12.33
N ARG B 127 4.30 -1.36 -11.06
CA ARG B 127 3.97 -2.24 -9.96
C ARG B 127 2.50 -2.07 -9.54
N TYR B 128 1.96 -0.84 -9.61
CA TYR B 128 0.65 -0.57 -9.13
C TYR B 128 -0.28 0.00 -10.20
N ILE B 129 -1.53 -0.45 -10.14
CA ILE B 129 -2.59 0.12 -10.91
C ILE B 129 -3.73 0.60 -10.02
N LYS B 130 -4.00 1.88 -10.15
CA LYS B 130 -4.99 2.50 -9.32
C LYS B 130 -6.12 3.05 -10.17
N VAL B 131 -7.34 2.86 -9.68
CA VAL B 131 -8.58 3.41 -10.24
C VAL B 131 -9.04 4.50 -9.26
N LYS B 132 -9.07 5.73 -9.73
CA LYS B 132 -9.35 6.90 -8.93
C LYS B 132 -10.52 7.67 -9.54
N LEU B 133 -11.60 7.81 -8.78
CA LEU B 133 -12.70 8.69 -9.19
C LEU B 133 -12.23 10.12 -9.10
N LEU B 134 -12.58 10.96 -10.09
CA LEU B 134 -12.22 12.38 -10.07
C LEU B 134 -13.30 13.28 -9.43
N THR B 135 -14.51 12.77 -9.29
CA THR B 135 -15.57 13.41 -8.53
C THR B 135 -15.58 12.86 -7.13
N SER B 136 -15.49 13.77 -6.17
CA SER B 136 -15.46 13.39 -4.76
C SER B 136 -16.83 13.11 -4.26
N GLY B 137 -16.89 12.35 -3.16
CA GLY B 137 -18.15 12.01 -2.53
C GLY B 137 -19.01 11.00 -3.25
N VAL B 138 -18.38 10.19 -4.09
CA VAL B 138 -19.04 9.11 -4.79
C VAL B 138 -18.33 7.77 -4.44
N PRO B 139 -19.07 6.78 -3.94
CA PRO B 139 -18.49 5.44 -3.70
C PRO B 139 -17.92 4.75 -4.97
N LEU B 140 -16.81 4.03 -4.80
CA LEU B 140 -16.22 3.29 -5.89
C LEU B 140 -16.51 1.80 -5.67
N SER B 141 -17.20 1.22 -6.65
CA SER B 141 -17.45 -0.21 -6.67
C SER B 141 -16.95 -0.76 -7.98
N LEU B 142 -16.14 -1.81 -7.89
CA LEU B 142 -15.65 -2.45 -9.08
C LEU B 142 -15.97 -3.95 -8.96
N ALA B 143 -16.53 -4.53 -10.00
CA ALA B 143 -16.74 -5.99 -10.05
C ALA B 143 -15.45 -6.81 -10.17
N GLU B 144 -14.50 -6.29 -10.90
CA GLU B 144 -13.27 -6.97 -11.22
C GLU B 144 -12.37 -6.02 -11.98
N VAL B 145 -11.07 -6.16 -11.75
CA VAL B 145 -10.01 -5.49 -12.53
C VAL B 145 -9.04 -6.56 -12.98
N GLU B 146 -8.90 -6.71 -14.31
CA GLU B 146 -8.00 -7.70 -14.90
C GLU B 146 -6.89 -7.00 -15.63
N VAL B 147 -5.69 -7.55 -15.49
CA VAL B 147 -4.46 -6.96 -16.02
C VAL B 147 -3.69 -8.04 -16.75
N PHE B 148 -3.31 -7.72 -18.00
CA PHE B 148 -2.56 -8.60 -18.86
C PHE B 148 -1.25 -7.94 -19.29
N ARG B 149 -0.23 -8.76 -19.60
CA ARG B 149 1.13 -8.30 -19.92
C ARG B 149 1.30 -7.75 -21.33
N GLU B 150 0.33 -8.12 -22.18
CA GLU B 150 0.21 -7.62 -23.53
C GLU B 150 -1.29 -7.38 -23.90
N SER B 151 -1.61 -7.05 -25.05
C2 BGC C . 22.04 -17.22 4.70
C3 BGC C . 22.62 -16.15 5.61
C4 BGC C . 23.75 -15.38 4.95
C5 BGC C . 23.29 -14.88 3.57
C6 BGC C . 24.38 -14.17 2.78
C1 BGC C . 21.62 -16.58 3.38
O1 BGC C . 21.14 -17.57 2.48
O2 BGC C . 20.93 -17.82 5.28
O3 BGC C . 23.16 -16.77 6.72
O4 BGC C . 24.19 -14.34 5.84
O5 BGC C . 22.72 -15.92 2.80
O6 BGC C . 25.49 -15.00 2.50
C1 GAL C . 25.58 -14.30 6.04
C2 GAL C . 25.87 -12.95 6.72
C3 GAL C . 27.36 -12.83 6.94
C4 GAL C . 27.93 -14.05 7.68
C5 GAL C . 27.55 -15.29 6.92
C6 GAL C . 28.14 -16.54 7.59
O2 GAL C . 25.44 -11.84 5.88
O3 GAL C . 27.59 -11.67 7.67
O4 GAL C . 27.41 -14.12 9.00
O5 GAL C . 26.12 -15.39 6.83
O6 GAL C . 27.86 -17.64 6.77
C1 FUC C . 24.70 -10.83 6.54
C2 FUC C . 24.71 -9.66 5.53
C3 FUC C . 23.84 -9.98 4.32
C4 FUC C . 22.42 -10.32 4.83
C5 FUC C . 22.51 -11.54 5.76
C6 FUC C . 21.13 -12.09 6.22
O2 FUC C . 26.02 -9.29 5.13
O3 FUC C . 23.84 -8.86 3.43
O4 FUC C . 21.88 -9.18 5.43
O5 FUC C . 23.37 -11.19 6.87
O5 A2G C . 29.68 -11.17 6.83
C1 A2G C . 28.82 -11.24 7.98
C2 A2G C . 28.98 -9.97 8.80
N2 A2G C . 28.17 -10.20 10.04
C3 A2G C . 28.53 -8.80 7.92
O3 A2G C . 28.62 -7.54 8.62
C4 A2G C . 29.36 -8.73 6.64
O4 A2G C . 30.72 -8.46 6.99
C5 A2G C . 29.29 -10.09 5.93
C6 A2G C . 30.17 -10.18 4.67
O6 A2G C . 29.66 -9.34 3.60
C7 A2G C . 28.54 -9.97 11.31
O7 A2G C . 27.88 -10.19 12.35
C8 A2G C . 29.83 -9.38 11.43
CA CA D . 9.45 -7.98 14.46
CA CA E . -14.94 -9.91 -8.59
#